data_8TYF
#
_entry.id   8TYF
#
_cell.length_a   60.720
_cell.length_b   81.850
_cell.length_c   192.876
_cell.angle_alpha   90.000
_cell.angle_beta   90.000
_cell.angle_gamma   90.000
#
_symmetry.space_group_name_H-M   'I 2 2 2'
#
loop_
_entity.id
_entity.type
_entity.pdbx_description
1 polymer 'Plasmepsin V'
2 non-polymer 2-acetamido-2-deoxy-beta-D-glucopyranose
3 non-polymer (2E,4aR,7aS)-6-[(3M)-3-(2-chlorophenyl)pyridin-2-yl]-7a-(2,5-difluorophenyl)-2-imino-3-methyloctahydro-4H-pyrrolo[3,4-d]pyrimidin-4-one
4 non-polymer 1,2-ETHANEDIOL
5 water water
#
_entity_poly.entity_id   1
_entity_poly.type   'polypeptide(L)'
_entity_poly.pdbx_seq_one_letter_code
;GTRSESTEGHSKDLLYKYKLYGDIDEYAYYFLDIDIGTPEQRISLILDTGSSSLSFPCAGCKNCGVHMENPFNLNNSKTS
SILYCENEECPFKLNCVKGKCEYMQSYCEGSQISGFYFSDVVSVVSYNNERVTFRKLMGCHMHEESLFLYQQATGVLGMS
LSKPQGIPTFVNLLFDNAPQLKQVFTICISENGGELIAGGYDPAYIVRRGGSKSVSGQGSGPVSESLSESGEDPQVALRE
AEKVVWENVTRKYYYYIKVRGLDMFGTNMMSSSKGLEMLVDSGSTFTHIPEDLYNKLNYFFDILCIQDMNNAYDVNKRLK
MTNESFNNPLVQFDDFRKSLKSIIAKENMCVKIVDGVQCWKYLEGLPDLFVTLSNNYKMKWQPHSYLYKKESFWCKGIEK
QVNNKPILGLTFFKNRQVIFDIQKNRIGFVDANCPSHPTHTRPRLENLYFQGDYKDDDDKH
;
_entity_poly.pdbx_strand_id   A
#
loop_
_chem_comp.id
_chem_comp.type
_chem_comp.name
_chem_comp.formula
EDO non-polymer 1,2-ETHANEDIOL 'C2 H6 O2'
NAG D-saccharide, beta linking 2-acetamido-2-deoxy-beta-D-glucopyranose 'C8 H15 N O6'
T0F non-polymer (2E,4aR,7aS)-6-[(3M)-3-(2-chlorophenyl)pyridin-2-yl]-7a-(2,5-difluorophenyl)-2-imino-3-methyloctahydro-4H-pyrrolo[3,4-d]pyrimidin-4-one 'C24 H20 Cl F2 N5 O'
#
# COMPACT_ATOMS: atom_id res chain seq x y z
N LYS A 12 -1.80 11.87 22.63
CA LYS A 12 -1.83 13.10 23.41
C LYS A 12 -1.12 14.23 22.66
N ASP A 13 -0.51 13.90 21.54
CA ASP A 13 0.05 14.91 20.64
C ASP A 13 -1.07 15.65 19.93
N LEU A 14 -0.70 16.54 19.02
CA LEU A 14 -1.64 17.19 18.12
C LEU A 14 -1.68 16.42 16.81
N LEU A 15 -2.85 15.92 16.44
CA LEU A 15 -3.02 15.07 15.27
C LEU A 15 -3.92 15.74 14.25
N TYR A 16 -3.49 15.76 13.00
CA TYR A 16 -4.33 16.16 11.87
C TYR A 16 -4.73 14.90 11.12
N LYS A 17 -6.03 14.73 10.90
CA LYS A 17 -6.58 13.52 10.32
C LYS A 17 -7.21 13.80 8.96
N TYR A 18 -6.93 12.94 7.99
CA TYR A 18 -7.46 13.05 6.64
C TYR A 18 -8.14 11.74 6.25
N LYS A 19 -9.27 11.86 5.56
CA LYS A 19 -10.03 10.69 5.16
C LYS A 19 -9.40 10.01 3.95
N LEU A 20 -9.32 8.69 4.01
CA LEU A 20 -8.86 7.89 2.89
C LEU A 20 -10.04 7.12 2.30
N TYR A 21 -10.05 7.00 0.98
CA TYR A 21 -11.11 6.31 0.27
C TYR A 21 -10.50 5.21 -0.58
N GLY A 22 -11.25 4.11 -0.72
CA GLY A 22 -10.89 3.03 -1.61
C GLY A 22 -10.98 1.68 -0.93
N ASP A 23 -10.43 0.67 -1.59
CA ASP A 23 -10.51 -0.71 -1.13
C ASP A 23 -9.59 -1.56 -1.98
N ILE A 24 -9.44 -2.82 -1.57
CA ILE A 24 -8.50 -3.70 -2.26
C ILE A 24 -9.08 -4.23 -3.57
N ASP A 25 -10.39 -4.44 -3.65
CA ASP A 25 -10.93 -5.12 -4.82
C ASP A 25 -11.40 -4.17 -5.92
N GLU A 26 -12.15 -3.13 -5.55
CA GLU A 26 -12.72 -2.23 -6.56
C GLU A 26 -11.70 -1.21 -7.02
N TYR A 27 -11.12 -0.44 -6.10
CA TYR A 27 -10.14 0.57 -6.49
C TYR A 27 -8.74 -0.02 -6.61
N ALA A 28 -8.36 -0.92 -5.70
CA ALA A 28 -7.04 -1.53 -5.62
C ALA A 28 -6.04 -0.58 -4.98
N TYR A 29 -6.49 0.54 -4.43
CA TYR A 29 -5.61 1.52 -3.79
C TYR A 29 -6.47 2.37 -2.86
N TYR A 30 -5.82 3.31 -2.18
CA TYR A 30 -6.51 4.25 -1.31
C TYR A 30 -6.06 5.67 -1.63
N PHE A 31 -7.03 6.58 -1.70
CA PHE A 31 -6.77 7.94 -2.17
C PHE A 31 -7.36 8.96 -1.19
N LEU A 32 -6.83 10.18 -1.27
CA LEU A 32 -7.39 11.32 -0.55
C LEU A 32 -7.50 12.49 -1.51
N ASP A 33 -8.17 13.54 -1.05
CA ASP A 33 -8.38 14.74 -1.84
C ASP A 33 -7.37 15.81 -1.45
N ILE A 34 -6.93 16.58 -2.44
CA ILE A 34 -5.97 17.66 -2.24
C ILE A 34 -6.39 18.85 -3.09
N ASP A 35 -6.37 20.04 -2.48
CA ASP A 35 -6.62 21.27 -3.21
C ASP A 35 -5.32 21.75 -3.86
N ILE A 36 -5.40 22.17 -5.12
CA ILE A 36 -4.24 22.59 -5.87
C ILE A 36 -4.61 23.80 -6.72
N GLY A 37 -3.71 24.78 -6.78
CA GLY A 37 -3.92 25.96 -7.58
C GLY A 37 -4.69 27.05 -6.83
N THR A 38 -4.83 28.18 -7.52
CA THR A 38 -5.51 29.35 -6.98
C THR A 38 -6.41 29.95 -8.04
N PRO A 39 -7.74 29.84 -7.92
CA PRO A 39 -8.51 29.17 -6.84
C PRO A 39 -8.36 27.64 -6.81
N GLU A 40 -8.77 27.03 -5.70
CA GLU A 40 -8.52 25.62 -5.46
C GLU A 40 -9.16 24.75 -6.54
N GLN A 41 -8.38 23.80 -7.06
CA GLN A 41 -8.90 22.70 -7.87
C GLN A 41 -8.68 21.43 -7.08
N ARG A 42 -9.77 20.78 -6.68
CA ARG A 42 -9.67 19.57 -5.88
C ARG A 42 -9.22 18.39 -6.75
N ILE A 43 -8.21 17.67 -6.28
CA ILE A 43 -7.62 16.56 -7.01
C ILE A 43 -7.50 15.37 -6.07
N SER A 44 -7.99 14.21 -6.49
CA SER A 44 -7.88 12.98 -5.72
C SER A 44 -6.58 12.28 -6.09
N LEU A 45 -5.83 11.84 -5.09
CA LEU A 45 -4.51 11.29 -5.30
C LEU A 45 -4.35 9.96 -4.57
N ILE A 46 -3.68 9.02 -5.24
CA ILE A 46 -3.37 7.73 -4.63
C ILE A 46 -2.27 7.91 -3.60
N LEU A 47 -2.54 7.51 -2.37
CA LEU A 47 -1.55 7.61 -1.29
C LEU A 47 -0.50 6.53 -1.47
N ASP A 48 0.73 6.93 -1.82
CA ASP A 48 1.75 5.99 -2.26
C ASP A 48 3.08 6.25 -1.54
N THR A 49 3.34 5.47 -0.48
CA THR A 49 4.62 5.57 0.21
C THR A 49 5.77 4.97 -0.57
N GLY A 50 5.51 4.33 -1.71
CA GLY A 50 6.53 3.76 -2.55
C GLY A 50 7.08 4.68 -3.61
N SER A 51 6.73 5.97 -3.57
CA SER A 51 7.24 6.93 -4.54
C SER A 51 7.24 8.31 -3.92
N SER A 52 7.82 9.27 -4.65
CA SER A 52 8.05 10.61 -4.13
C SER A 52 7.40 11.72 -4.93
N SER A 53 6.96 11.46 -6.16
CA SER A 53 6.39 12.51 -6.99
C SER A 53 4.94 12.77 -6.62
N LEU A 54 4.42 13.89 -7.11
CA LEU A 54 2.99 14.23 -7.05
C LEU A 54 2.62 14.66 -8.45
N SER A 55 1.99 13.77 -9.21
CA SER A 55 1.66 14.05 -10.60
C SER A 55 0.21 13.70 -10.88
N PHE A 56 -0.29 14.25 -11.99
CA PHE A 56 -1.63 14.00 -12.49
C PHE A 56 -1.70 14.51 -13.92
N PRO A 57 -2.76 14.20 -14.67
CA PRO A 57 -2.92 14.81 -16.00
C PRO A 57 -3.29 16.27 -15.88
N CYS A 58 -3.06 17.00 -16.97
CA CYS A 58 -3.35 18.43 -17.02
C CYS A 58 -4.05 18.78 -18.33
N ALA A 59 -4.92 19.78 -18.26
CA ALA A 59 -5.65 20.28 -19.42
C ALA A 59 -4.77 20.28 -20.67
N GLY A 60 -5.29 19.72 -21.77
CA GLY A 60 -4.53 19.58 -22.99
C GLY A 60 -4.00 18.18 -23.26
N CYS A 61 -3.98 17.32 -22.23
CA CYS A 61 -3.48 15.97 -22.41
C CYS A 61 -4.23 15.25 -23.52
N LYS A 62 -3.48 14.76 -24.50
CA LYS A 62 -4.07 14.14 -25.68
C LYS A 62 -4.24 12.63 -25.55
N ASN A 63 -3.86 12.05 -24.43
CA ASN A 63 -4.09 10.63 -24.20
C ASN A 63 -4.14 10.30 -22.71
N CYS A 64 -5.15 10.81 -22.02
CA CYS A 64 -5.31 10.58 -20.59
C CYS A 64 -6.61 9.84 -20.31
N GLY A 65 -6.62 9.10 -19.21
CA GLY A 65 -7.82 8.39 -18.82
C GLY A 65 -8.91 9.33 -18.34
N VAL A 66 -10.07 8.75 -18.07
CA VAL A 66 -11.20 9.49 -17.52
C VAL A 66 -11.20 9.24 -16.01
N HIS A 67 -10.76 10.24 -15.26
CA HIS A 67 -10.61 10.11 -13.81
C HIS A 67 -11.76 10.83 -13.09
N MET A 68 -11.75 10.73 -11.76
CA MET A 68 -12.82 11.33 -10.96
C MET A 68 -12.89 12.85 -11.13
N GLU A 69 -11.80 13.49 -11.52
CA GLU A 69 -11.78 14.92 -11.80
C GLU A 69 -11.28 15.17 -13.21
N ASN A 70 -11.43 16.41 -13.67
CA ASN A 70 -10.84 16.78 -14.93
C ASN A 70 -9.34 17.00 -14.76
N PRO A 71 -8.60 17.03 -15.87
CA PRO A 71 -7.17 17.37 -15.76
C PRO A 71 -7.01 18.75 -15.15
N PHE A 72 -6.01 18.89 -14.28
CA PHE A 72 -5.75 20.17 -13.65
C PHE A 72 -5.42 21.21 -14.72
N ASN A 73 -6.08 22.36 -14.63
CA ASN A 73 -6.01 23.40 -15.67
C ASN A 73 -5.05 24.49 -15.21
N LEU A 74 -3.83 24.47 -15.75
CA LEU A 74 -2.85 25.49 -15.40
C LEU A 74 -3.37 26.89 -15.70
N ASN A 75 -3.86 27.11 -16.93
CA ASN A 75 -4.33 28.44 -17.32
C ASN A 75 -5.40 28.97 -16.38
N ASN A 76 -6.03 28.11 -15.58
CA ASN A 76 -7.04 28.52 -14.61
C ASN A 76 -6.47 28.78 -13.23
N SER A 77 -5.22 28.42 -12.98
CA SER A 77 -4.58 28.68 -11.69
C SER A 77 -3.76 29.97 -11.80
N LYS A 78 -4.18 31.00 -11.05
CA LYS A 78 -3.46 32.26 -11.07
C LYS A 78 -2.01 32.10 -10.63
N THR A 79 -1.66 30.97 -10.02
CA THR A 79 -0.38 30.82 -9.33
C THR A 79 0.42 29.62 -9.83
N SER A 80 0.10 29.10 -11.01
CA SER A 80 0.85 27.98 -11.58
C SER A 80 2.03 28.51 -12.39
N SER A 81 3.15 27.79 -12.32
CA SER A 81 4.37 28.21 -13.00
C SER A 81 5.02 27.00 -13.65
N ILE A 82 4.92 26.93 -14.98
CA ILE A 82 5.55 25.84 -15.72
C ILE A 82 7.07 25.99 -15.66
N LEU A 83 7.75 24.93 -15.27
CA LEU A 83 9.21 24.95 -15.18
C LEU A 83 9.80 24.83 -16.58
N TYR A 84 10.16 25.97 -17.17
CA TYR A 84 10.84 26.01 -18.45
C TYR A 84 12.34 25.87 -18.27
N CYS A 85 13.02 25.41 -19.32
CA CYS A 85 14.46 25.23 -19.29
C CYS A 85 15.12 26.38 -20.04
N GLU A 86 15.67 27.33 -19.28
CA GLU A 86 16.44 28.42 -19.86
C GLU A 86 17.83 27.92 -20.22
N ASN A 87 18.30 28.25 -21.42
CA ASN A 87 19.59 27.82 -21.94
C ASN A 87 19.67 26.32 -22.12
N GLU A 88 18.56 25.60 -21.99
CA GLU A 88 18.53 24.15 -22.14
C GLU A 88 19.21 23.46 -20.95
N GLU A 89 18.87 23.93 -19.74
CA GLU A 89 19.42 23.37 -18.50
C GLU A 89 18.32 23.37 -17.45
N CYS A 90 18.00 22.19 -16.93
CA CYS A 90 16.97 22.08 -15.91
C CYS A 90 17.59 21.81 -14.55
N PRO A 91 16.96 22.28 -13.47
CA PRO A 91 17.40 21.92 -12.13
C PRO A 91 17.16 20.43 -11.85
N PHE A 92 17.73 19.97 -10.74
CA PHE A 92 17.54 18.60 -10.29
C PHE A 92 17.85 17.59 -11.39
N LYS A 93 18.88 17.89 -12.19
CA LYS A 93 19.33 16.98 -13.24
C LYS A 93 18.17 16.45 -14.08
N LEU A 94 17.19 17.31 -14.33
CA LEU A 94 16.08 16.93 -15.19
C LEU A 94 16.45 17.16 -16.66
N ASN A 95 15.66 16.57 -17.55
CA ASN A 95 15.87 16.73 -18.99
C ASN A 95 15.04 17.89 -19.52
N CYS A 96 15.51 18.48 -20.61
CA CYS A 96 14.82 19.57 -21.28
C CYS A 96 14.33 19.04 -22.63
N VAL A 97 13.01 18.94 -22.76
CA VAL A 97 12.36 18.47 -23.98
C VAL A 97 11.38 19.54 -24.44
N LYS A 98 11.44 19.88 -25.73
CA LYS A 98 10.53 20.87 -26.33
C LYS A 98 10.41 22.11 -25.45
N GLY A 99 11.51 22.49 -24.81
CA GLY A 99 11.52 23.71 -24.01
C GLY A 99 10.83 23.61 -22.67
N LYS A 100 10.75 22.42 -22.10
CA LYS A 100 10.19 22.22 -20.77
C LYS A 100 10.95 21.12 -20.06
N CYS A 101 11.05 21.23 -18.73
CA CYS A 101 11.68 20.19 -17.94
C CYS A 101 10.78 18.97 -17.89
N GLU A 102 11.30 17.83 -18.33
CA GLU A 102 10.47 16.68 -18.61
C GLU A 102 10.06 15.94 -17.36
N TYR A 103 8.80 15.50 -17.33
CA TYR A 103 8.32 14.55 -16.33
C TYR A 103 8.07 13.23 -17.04
N MET A 104 8.73 12.17 -16.56
CA MET A 104 8.58 10.87 -17.18
C MET A 104 8.58 9.78 -16.12
N GLN A 105 7.76 8.76 -16.35
CA GLN A 105 7.67 7.60 -15.48
C GLN A 105 7.62 6.34 -16.34
N SER A 106 8.07 5.24 -15.76
CA SER A 106 7.96 3.92 -16.38
C SER A 106 7.32 2.98 -15.38
N TYR A 107 6.39 2.17 -15.86
CA TYR A 107 5.72 1.19 -15.00
C TYR A 107 5.31 -0.02 -15.83
N CYS A 108 5.03 -1.11 -15.14
CA CYS A 108 4.63 -2.38 -15.76
C CYS A 108 5.76 -2.80 -16.69
N GLU A 109 5.48 -3.08 -17.96
CA GLU A 109 6.48 -3.60 -18.89
C GLU A 109 6.69 -2.58 -20.02
N GLY A 110 7.26 -1.44 -19.67
CA GLY A 110 7.62 -0.43 -20.64
C GLY A 110 6.62 0.70 -20.79
N SER A 111 5.48 0.62 -20.12
CA SER A 111 4.53 1.72 -20.15
C SER A 111 5.18 2.99 -19.58
N GLN A 112 4.74 4.13 -20.10
CA GLN A 112 5.32 5.40 -19.66
C GLN A 112 4.25 6.48 -19.67
N ILE A 113 4.24 7.29 -18.62
CA ILE A 113 3.50 8.55 -18.60
C ILE A 113 4.52 9.67 -18.68
N SER A 114 4.47 10.45 -19.75
CA SER A 114 5.37 11.56 -19.97
C SER A 114 4.64 12.88 -19.76
N GLY A 115 5.42 13.93 -19.52
CA GLY A 115 4.86 15.25 -19.30
C GLY A 115 5.91 16.29 -18.99
N PHE A 116 5.54 17.30 -18.20
CA PHE A 116 6.44 18.39 -17.86
C PHE A 116 6.22 18.78 -16.40
N TYR A 117 7.27 19.28 -15.77
CA TYR A 117 7.15 19.78 -14.42
C TYR A 117 6.57 21.19 -14.39
N PHE A 118 5.80 21.47 -13.35
CA PHE A 118 5.34 22.81 -13.05
C PHE A 118 5.25 22.92 -11.55
N SER A 119 4.96 24.13 -11.07
CA SER A 119 4.81 24.34 -9.64
C SER A 119 3.53 25.11 -9.37
N ASP A 120 3.05 25.01 -8.14
CA ASP A 120 1.82 25.69 -7.77
C ASP A 120 1.56 25.51 -6.28
N VAL A 121 0.46 26.07 -5.79
CA VAL A 121 0.10 25.99 -4.39
C VAL A 121 -0.69 24.71 -4.14
N VAL A 122 -0.25 23.93 -3.16
CA VAL A 122 -0.96 22.74 -2.71
C VAL A 122 -1.48 23.01 -1.31
N SER A 123 -2.75 22.67 -1.07
CA SER A 123 -3.37 22.89 0.23
C SER A 123 -3.98 21.57 0.71
N VAL A 124 -3.66 21.19 1.95
CA VAL A 124 -4.12 19.96 2.57
C VAL A 124 -4.89 20.33 3.82
N VAL A 125 -6.17 19.95 3.88
CA VAL A 125 -7.06 20.31 4.98
C VAL A 125 -7.52 19.03 5.68
N SER A 126 -7.44 19.03 7.01
CA SER A 126 -7.98 17.96 7.83
C SER A 126 -9.48 18.14 8.01
N TYR A 127 -10.15 17.07 8.46
CA TYR A 127 -11.60 17.16 8.60
C TYR A 127 -12.03 17.85 9.88
N ASN A 128 -11.09 18.40 10.65
CA ASN A 128 -11.40 19.43 11.64
C ASN A 128 -11.01 20.82 11.14
N ASN A 129 -10.73 20.96 9.83
CA ASN A 129 -10.56 22.24 9.18
C ASN A 129 -9.22 22.91 9.49
N GLU A 130 -8.19 22.10 9.76
CA GLU A 130 -6.83 22.63 9.92
C GLU A 130 -6.11 22.57 8.58
N ARG A 131 -5.62 23.72 8.13
CA ARG A 131 -5.14 23.90 6.77
C ARG A 131 -3.62 24.08 6.75
N VAL A 132 -2.96 23.42 5.80
CA VAL A 132 -1.53 23.58 5.59
C VAL A 132 -1.29 23.77 4.10
N THR A 133 -0.50 24.78 3.75
CA THR A 133 -0.31 25.20 2.38
C THR A 133 1.17 25.30 2.05
N PHE A 134 1.50 25.07 0.78
CA PHE A 134 2.87 25.22 0.31
C PHE A 134 3.00 25.00 -1.20
N ARG A 135 4.01 25.59 -1.80
CA ARG A 135 4.31 25.36 -3.20
C ARG A 135 5.02 24.03 -3.38
N LYS A 136 4.67 23.31 -4.45
CA LYS A 136 5.19 21.97 -4.67
C LYS A 136 5.57 21.79 -6.13
N LEU A 137 6.69 21.12 -6.37
CA LEU A 137 7.03 20.69 -7.73
C LEU A 137 6.20 19.46 -8.08
N MET A 138 5.51 19.53 -9.21
CA MET A 138 4.58 18.48 -9.61
C MET A 138 4.71 18.23 -11.11
N GLY A 139 4.34 17.02 -11.52
CA GLY A 139 4.38 16.64 -12.92
C GLY A 139 2.99 16.68 -13.53
N CYS A 140 2.93 17.11 -14.78
CA CYS A 140 1.70 17.09 -15.57
C CYS A 140 1.76 15.91 -16.52
N HIS A 141 0.81 14.98 -16.38
CA HIS A 141 0.68 13.91 -17.36
C HIS A 141 0.09 14.48 -18.64
N MET A 142 0.90 14.51 -19.69
CA MET A 142 0.38 14.75 -21.03
C MET A 142 0.21 13.44 -21.80
N HIS A 143 0.54 12.31 -21.19
CA HIS A 143 0.37 11.00 -21.82
C HIS A 143 0.36 9.95 -20.71
N GLU A 144 -0.75 9.24 -20.58
CA GLU A 144 -0.86 8.12 -19.66
C GLU A 144 -0.98 6.83 -20.46
N GLU A 145 -0.69 5.71 -19.80
CA GLU A 145 -0.75 4.41 -20.45
C GLU A 145 -1.22 3.35 -19.47
N SER A 146 -1.54 2.18 -20.02
CA SER A 146 -1.87 0.97 -19.26
C SER A 146 -2.79 1.25 -18.08
N LEU A 147 -2.34 0.90 -16.87
CA LEU A 147 -3.21 0.94 -15.70
C LEU A 147 -3.67 2.36 -15.36
N PHE A 148 -2.96 3.39 -15.83
CA PHE A 148 -3.42 4.75 -15.60
C PHE A 148 -4.64 5.12 -16.45
N LEU A 149 -4.87 4.42 -17.56
CA LEU A 149 -6.02 4.70 -18.40
C LEU A 149 -7.32 4.17 -17.81
N TYR A 150 -7.30 3.51 -16.63
CA TYR A 150 -8.56 2.99 -16.11
C TYR A 150 -8.66 3.01 -14.59
N GLN A 151 -7.90 3.83 -13.87
CA GLN A 151 -8.13 4.02 -12.45
C GLN A 151 -8.92 5.30 -12.21
N GLN A 152 -9.90 5.21 -11.30
CA GLN A 152 -10.76 6.36 -11.00
C GLN A 152 -9.95 7.55 -10.51
N ALA A 153 -8.97 7.31 -9.64
CA ALA A 153 -8.21 8.40 -9.04
C ALA A 153 -7.50 9.21 -10.11
N THR A 154 -7.32 10.51 -9.83
CA THR A 154 -6.78 11.44 -10.82
C THR A 154 -5.26 11.45 -10.87
N GLY A 155 -4.58 11.16 -9.76
CA GLY A 155 -3.15 11.20 -9.76
C GLY A 155 -2.55 10.40 -8.62
N VAL A 156 -1.26 10.66 -8.36
CA VAL A 156 -0.48 9.95 -7.36
C VAL A 156 0.10 10.96 -6.38
N LEU A 157 0.03 10.64 -5.09
CA LEU A 157 0.68 11.41 -4.04
C LEU A 157 1.80 10.56 -3.45
N GLY A 158 3.03 10.80 -3.91
CA GLY A 158 4.17 10.10 -3.34
C GLY A 158 4.43 10.55 -1.90
N MET A 159 4.69 9.57 -1.03
CA MET A 159 4.87 9.83 0.39
C MET A 159 6.28 9.55 0.90
N SER A 160 7.23 9.22 0.02
CA SER A 160 8.60 8.99 0.45
C SER A 160 9.31 10.32 0.71
N LEU A 161 10.51 10.24 1.27
CA LEU A 161 11.24 11.39 1.76
C LEU A 161 12.11 12.02 0.68
N SER A 162 12.51 13.27 0.94
CA SER A 162 13.34 14.02 0.02
C SER A 162 14.80 13.60 0.14
N LYS A 163 15.45 13.37 -0.99
CA LYS A 163 16.88 13.10 -1.00
C LYS A 163 17.66 14.39 -1.05
N PRO A 164 18.92 14.38 -0.60
CA PRO A 164 19.74 15.59 -0.70
C PRO A 164 19.76 16.12 -2.12
N GLN A 165 19.61 17.44 -2.25
CA GLN A 165 19.59 18.13 -3.54
C GLN A 165 18.62 17.47 -4.51
N GLY A 166 17.45 17.07 -4.00
CA GLY A 166 16.39 16.53 -4.81
C GLY A 166 15.13 17.36 -4.69
N ILE A 167 14.16 17.04 -5.53
CA ILE A 167 12.85 17.71 -5.50
C ILE A 167 12.26 17.56 -4.11
N PRO A 168 11.94 18.65 -3.41
CA PRO A 168 11.27 18.53 -2.12
C PRO A 168 9.96 17.77 -2.25
N THR A 169 9.78 16.75 -1.43
CA THR A 169 8.62 15.88 -1.50
C THR A 169 7.49 16.42 -0.62
N PHE A 170 6.30 15.84 -0.83
CA PHE A 170 5.11 16.32 -0.13
C PHE A 170 5.26 16.19 1.39
N VAL A 171 5.84 15.09 1.86
CA VAL A 171 5.89 14.85 3.29
C VAL A 171 6.82 15.84 3.98
N ASN A 172 7.96 16.14 3.35
CA ASN A 172 8.90 17.08 3.95
C ASN A 172 8.35 18.50 3.94
N LEU A 173 7.67 18.88 2.87
CA LEU A 173 7.02 20.19 2.82
C LEU A 173 5.87 20.27 3.82
N LEU A 174 5.10 19.20 3.96
CA LEU A 174 3.99 19.22 4.91
C LEU A 174 4.48 19.54 6.32
N PHE A 175 5.55 18.86 6.76
CA PHE A 175 6.04 19.07 8.12
C PHE A 175 6.83 20.36 8.26
N ASP A 176 7.56 20.78 7.22
CA ASP A 176 8.25 22.06 7.30
C ASP A 176 7.29 23.22 7.49
N ASN A 177 6.05 23.07 7.02
CA ASN A 177 5.01 24.09 7.18
C ASN A 177 4.04 23.79 8.29
N ALA A 178 4.24 22.71 9.04
CA ALA A 178 3.45 22.39 10.22
C ALA A 178 4.40 22.05 11.35
N PRO A 179 5.17 23.03 11.82
CA PRO A 179 6.08 22.76 12.95
C PRO A 179 5.37 22.34 14.21
N GLN A 180 4.06 22.58 14.32
CA GLN A 180 3.30 22.14 15.48
C GLN A 180 3.04 20.65 15.49
N LEU A 181 3.41 19.94 14.43
CA LEU A 181 3.24 18.49 14.34
C LEU A 181 4.58 17.80 14.51
N LYS A 182 4.60 16.76 15.34
CA LYS A 182 5.75 15.85 15.35
C LYS A 182 5.92 15.23 13.97
N GLN A 183 7.17 14.94 13.60
CA GLN A 183 7.47 14.37 12.30
C GLN A 183 7.10 12.88 12.29
N VAL A 184 5.80 12.64 12.23
CA VAL A 184 5.24 11.30 12.21
C VAL A 184 3.94 11.34 11.42
N PHE A 185 3.74 10.34 10.54
CA PHE A 185 2.45 10.15 9.90
C PHE A 185 2.09 8.68 9.94
N THR A 186 0.80 8.42 10.16
CA THR A 186 0.26 7.08 10.30
C THR A 186 -0.79 6.84 9.22
N ILE A 187 -0.77 5.64 8.65
CA ILE A 187 -1.78 5.20 7.70
C ILE A 187 -2.57 4.08 8.36
N CYS A 188 -3.89 4.22 8.36
CA CYS A 188 -4.81 3.26 8.99
C CYS A 188 -5.87 2.92 7.95
N ILE A 189 -5.71 1.80 7.26
CA ILE A 189 -6.64 1.40 6.21
C ILE A 189 -7.49 0.24 6.69
N SER A 190 -8.80 0.34 6.47
CA SER A 190 -9.74 -0.74 6.72
C SER A 190 -10.20 -1.33 5.39
N GLU A 191 -11.15 -2.27 5.46
CA GLU A 191 -11.66 -2.88 4.24
C GLU A 191 -12.18 -1.83 3.26
N ASN A 192 -12.77 -0.76 3.78
CA ASN A 192 -13.31 0.33 2.96
C ASN A 192 -12.81 1.66 3.52
N GLY A 193 -11.96 2.34 2.75
CA GLY A 193 -11.43 3.62 3.17
C GLY A 193 -10.56 3.51 4.42
N GLY A 194 -9.96 4.62 4.82
CA GLY A 194 -9.08 4.61 5.97
C GLY A 194 -8.82 6.01 6.44
N GLU A 195 -7.63 6.22 7.00
CA GLU A 195 -7.29 7.49 7.61
C GLU A 195 -5.79 7.67 7.60
N LEU A 196 -5.35 8.84 7.13
CA LEU A 196 -3.95 9.25 7.25
C LEU A 196 -3.84 10.27 8.37
N ILE A 197 -2.91 10.04 9.29
CA ILE A 197 -2.72 10.90 10.46
C ILE A 197 -1.35 11.54 10.39
N ALA A 198 -1.30 12.86 10.59
CA ALA A 198 -0.06 13.61 10.63
C ALA A 198 0.15 14.14 12.05
N GLY A 199 1.30 13.81 12.64
CA GLY A 199 1.62 14.21 14.00
C GLY A 199 1.80 13.06 14.96
N GLY A 200 1.63 11.82 14.51
CA GLY A 200 1.68 10.67 15.39
C GLY A 200 0.60 9.67 15.05
N TYR A 201 0.19 8.86 16.03
CA TYR A 201 -0.90 7.92 15.83
C TYR A 201 -1.94 8.10 16.93
N ASP A 202 -3.12 7.56 16.68
CA ASP A 202 -4.20 7.61 17.66
C ASP A 202 -4.21 6.32 18.46
N PRO A 203 -3.93 6.36 19.76
CA PRO A 203 -4.04 5.13 20.58
C PRO A 203 -5.48 4.65 20.72
N ALA A 204 -6.47 5.51 20.48
CA ALA A 204 -7.87 5.10 20.57
C ALA A 204 -8.25 4.13 19.46
N TYR A 205 -7.46 4.06 18.39
CA TYR A 205 -7.70 3.07 17.35
C TYR A 205 -7.11 1.71 17.71
N ILE A 206 -6.11 1.68 18.59
CA ILE A 206 -5.46 0.43 18.96
C ILE A 206 -6.47 -0.48 19.64
N VAL A 207 -6.54 -1.74 19.16
CA VAL A 207 -7.43 -2.70 19.81
C VAL A 207 -7.00 -2.90 21.25
N ARG A 208 -7.95 -3.35 22.07
CA ARG A 208 -7.71 -3.48 23.51
C ARG A 208 -8.04 -4.88 24.00
N GLU A 240 -5.05 -1.19 28.52
CA GLU A 240 -6.14 -1.68 27.66
C GLU A 240 -5.70 -1.77 26.20
N ALA A 241 -5.12 -0.68 25.69
CA ALA A 241 -4.64 -0.64 24.32
C ALA A 241 -3.32 -1.39 24.19
N GLU A 242 -3.18 -2.13 23.09
CA GLU A 242 -1.98 -2.92 22.85
C GLU A 242 -0.80 -2.00 22.50
N LYS A 243 0.38 -2.60 22.41
CA LYS A 243 1.63 -1.86 22.28
C LYS A 243 2.19 -1.97 20.86
N VAL A 244 2.90 -0.90 20.46
CA VAL A 244 3.42 -0.78 19.09
C VAL A 244 4.70 -1.58 18.95
N VAL A 245 4.82 -2.29 17.83
CA VAL A 245 6.05 -3.00 17.48
C VAL A 245 6.86 -2.08 16.57
N TRP A 246 8.08 -1.77 16.98
CA TRP A 246 8.95 -0.87 16.24
C TRP A 246 10.04 -1.65 15.52
N GLU A 247 10.24 -1.31 14.24
CA GLU A 247 11.28 -1.93 13.42
C GLU A 247 12.07 -0.81 12.74
N ASN A 248 13.38 -0.76 13.02
CA ASN A 248 14.25 0.18 12.34
C ASN A 248 14.19 -0.03 10.83
N VAL A 249 14.46 1.04 10.09
CA VAL A 249 14.47 1.00 8.63
C VAL A 249 15.89 0.75 8.16
N THR A 250 16.04 -0.10 7.13
CA THR A 250 17.37 -0.49 6.67
C THR A 250 18.08 0.67 5.98
N ARG A 251 17.41 1.32 5.04
CA ARG A 251 17.98 2.43 4.27
C ARG A 251 17.38 3.76 4.70
N LYS A 252 18.15 4.81 4.50
CA LYS A 252 17.69 6.17 4.76
C LYS A 252 17.09 6.78 3.50
N TYR A 253 16.03 7.56 3.67
CA TYR A 253 15.23 8.17 2.63
C TYR A 253 14.21 7.20 2.06
N TYR A 254 14.26 5.92 2.42
CA TYR A 254 13.35 4.91 1.89
C TYR A 254 12.72 4.14 3.04
N TYR A 255 11.61 3.46 2.74
CA TYR A 255 10.81 2.78 3.74
C TYR A 255 11.03 1.27 3.72
N TYR A 256 12.27 0.84 3.75
CA TYR A 256 12.58 -0.58 3.75
C TYR A 256 12.77 -1.10 5.17
N ILE A 257 12.33 -2.32 5.42
CA ILE A 257 12.60 -3.03 6.65
C ILE A 257 13.03 -4.45 6.31
N LYS A 258 13.75 -5.08 7.23
CA LYS A 258 14.25 -6.44 7.05
C LYS A 258 13.29 -7.44 7.64
N VAL A 259 12.85 -8.39 6.82
CA VAL A 259 12.03 -9.52 7.26
C VAL A 259 12.90 -10.77 7.21
N ARG A 260 13.14 -11.37 8.37
CA ARG A 260 14.08 -12.49 8.50
C ARG A 260 13.38 -13.84 8.63
N GLY A 261 12.14 -13.94 8.17
CA GLY A 261 11.43 -15.21 8.23
C GLY A 261 9.93 -15.05 8.19
N LEU A 262 9.25 -16.00 7.52
CA LEU A 262 7.78 -16.01 7.43
C LEU A 262 7.29 -17.41 7.73
N ASP A 263 6.52 -17.55 8.80
CA ASP A 263 6.12 -18.85 9.32
C ASP A 263 4.64 -19.13 9.07
N MET A 264 4.35 -20.35 8.64
CA MET A 264 2.98 -20.87 8.56
C MET A 264 2.96 -22.17 9.34
N PHE A 265 2.07 -22.28 10.32
CA PHE A 265 1.98 -23.47 11.17
C PHE A 265 3.29 -23.73 11.91
N GLY A 266 3.96 -22.65 12.32
CA GLY A 266 5.21 -22.80 13.04
C GLY A 266 6.38 -23.25 12.19
N THR A 267 6.32 -23.06 10.88
CA THR A 267 7.37 -23.47 9.97
C THR A 267 7.75 -22.29 9.08
N ASN A 268 9.00 -21.87 9.16
CA ASN A 268 9.49 -20.79 8.30
C ASN A 268 9.55 -21.27 6.86
N MET A 269 8.85 -20.57 5.98
CA MET A 269 8.83 -20.90 4.56
C MET A 269 9.86 -20.12 3.76
N MET A 270 10.63 -19.26 4.43
CA MET A 270 11.67 -18.47 3.80
C MET A 270 12.95 -19.28 3.80
N SER A 271 13.55 -19.47 2.63
CA SER A 271 14.72 -20.32 2.48
C SER A 271 15.99 -19.62 2.96
N SER A 272 15.80 -18.55 3.73
CA SER A 272 16.94 -17.80 4.24
C SER A 272 16.51 -16.99 5.45
N SER A 273 17.36 -16.99 6.48
CA SER A 273 17.16 -16.17 7.67
C SER A 273 17.90 -14.84 7.58
N LYS A 274 18.67 -14.61 6.52
CA LYS A 274 19.16 -13.28 6.25
C LYS A 274 17.99 -12.30 6.13
N GLY A 275 18.27 -11.03 6.40
CA GLY A 275 17.23 -10.02 6.31
C GLY A 275 16.80 -9.84 4.86
N LEU A 276 15.50 -9.96 4.60
CA LEU A 276 14.92 -9.66 3.30
C LEU A 276 14.36 -8.24 3.36
N GLU A 277 14.99 -7.33 2.61
CA GLU A 277 14.51 -5.96 2.55
C GLU A 277 13.17 -5.91 1.83
N MET A 278 12.15 -5.38 2.51
CA MET A 278 10.82 -5.27 1.93
C MET A 278 10.34 -3.83 2.05
N LEU A 279 9.87 -3.27 0.93
CA LEU A 279 9.35 -1.92 0.93
C LEU A 279 7.98 -1.87 1.56
N VAL A 280 7.82 -1.02 2.58
CA VAL A 280 6.52 -0.79 3.19
C VAL A 280 5.78 0.21 2.29
N ASP A 281 4.89 -0.30 1.45
CA ASP A 281 4.41 0.41 0.26
C ASP A 281 2.88 0.46 0.28
N SER A 282 2.34 1.64 0.60
CA SER A 282 0.89 1.80 0.59
C SER A 282 0.32 1.81 -0.83
N GLY A 283 1.19 1.99 -1.84
CA GLY A 283 0.77 2.08 -3.22
C GLY A 283 0.73 0.78 -4.00
N SER A 284 0.96 -0.36 -3.37
CA SER A 284 0.79 -1.65 -4.02
C SER A 284 -0.40 -2.36 -3.41
N THR A 285 -1.28 -2.87 -4.26
CA THR A 285 -2.49 -3.54 -3.78
C THR A 285 -2.16 -4.72 -2.88
N PHE A 286 -1.19 -5.54 -3.29
CA PHE A 286 -0.92 -6.78 -2.59
C PHE A 286 0.51 -6.83 -2.06
N THR A 287 0.73 -7.75 -1.14
CA THR A 287 2.06 -8.04 -0.63
C THR A 287 2.74 -9.02 -1.57
N HIS A 288 3.95 -8.68 -2.01
CA HIS A 288 4.70 -9.49 -2.98
C HIS A 288 5.92 -10.11 -2.31
N ILE A 289 6.21 -11.36 -2.66
CA ILE A 289 7.27 -12.12 -2.01
C ILE A 289 8.01 -12.93 -3.07
N PRO A 290 9.23 -13.36 -2.76
CA PRO A 290 10.00 -14.16 -3.72
C PRO A 290 9.30 -15.47 -4.01
N GLU A 291 9.45 -15.94 -5.25
CA GLU A 291 8.64 -17.06 -5.71
C GLU A 291 8.83 -18.30 -4.84
N ASP A 292 10.00 -18.47 -4.22
CA ASP A 292 10.19 -19.61 -3.34
C ASP A 292 9.24 -19.56 -2.16
N LEU A 293 9.19 -18.42 -1.46
CA LEU A 293 8.29 -18.30 -0.33
C LEU A 293 6.83 -18.42 -0.76
N TYR A 294 6.48 -17.84 -1.92
CA TYR A 294 5.10 -17.91 -2.39
C TYR A 294 4.69 -19.35 -2.71
N ASN A 295 5.51 -20.05 -3.50
CA ASN A 295 5.15 -21.41 -3.89
C ASN A 295 4.95 -22.31 -2.68
N LYS A 296 5.75 -22.10 -1.62
CA LYS A 296 5.62 -22.91 -0.42
C LYS A 296 4.39 -22.52 0.40
N LEU A 297 3.95 -21.28 0.33
CA LEU A 297 2.70 -20.88 1.00
C LEU A 297 1.48 -21.33 0.21
N ASN A 298 1.48 -21.04 -1.10
CA ASN A 298 0.33 -21.40 -1.94
C ASN A 298 0.08 -22.90 -1.97
N TYR A 299 1.08 -23.71 -1.63
CA TYR A 299 0.87 -25.15 -1.53
C TYR A 299 -0.11 -25.47 -0.41
N PHE A 300 0.03 -24.81 0.74
CA PHE A 300 -0.85 -25.09 1.87
C PHE A 300 -2.19 -24.38 1.75
N PHE A 301 -2.23 -23.23 1.06
CA PHE A 301 -3.51 -22.58 0.79
C PHE A 301 -4.32 -23.38 -0.23
N ASP A 302 -3.65 -23.94 -1.24
CA ASP A 302 -4.32 -24.82 -2.18
C ASP A 302 -4.98 -25.98 -1.45
N ILE A 303 -4.25 -26.60 -0.52
CA ILE A 303 -4.81 -27.73 0.24
C ILE A 303 -6.06 -27.29 1.00
N LEU A 304 -6.00 -26.11 1.63
CA LEU A 304 -7.13 -25.59 2.37
C LEU A 304 -8.25 -25.07 1.48
N CYS A 305 -8.06 -25.06 0.16
CA CYS A 305 -9.08 -24.62 -0.79
C CYS A 305 -9.80 -25.84 -1.35
N ILE A 306 -11.04 -26.04 -0.90
CA ILE A 306 -11.89 -27.13 -1.37
C ILE A 306 -13.12 -26.50 -2.01
N GLN A 307 -13.27 -26.69 -3.31
CA GLN A 307 -14.36 -26.04 -4.03
C GLN A 307 -15.67 -26.80 -3.90
N ASP A 308 -15.62 -28.11 -3.68
CA ASP A 308 -16.83 -28.92 -3.48
C ASP A 308 -16.60 -29.82 -2.28
N MET A 309 -17.31 -29.55 -1.18
CA MET A 309 -17.13 -30.31 0.05
C MET A 309 -17.68 -31.73 -0.05
N ASN A 310 -18.37 -32.06 -1.14
CA ASN A 310 -18.94 -33.39 -1.32
C ASN A 310 -18.19 -34.21 -2.36
N ASN A 311 -17.21 -33.62 -3.04
CA ASN A 311 -16.38 -34.37 -3.99
C ASN A 311 -15.40 -35.26 -3.22
N ALA A 312 -15.51 -36.57 -3.43
CA ALA A 312 -14.71 -37.50 -2.65
C ALA A 312 -13.24 -37.45 -3.05
N TYR A 313 -12.95 -37.41 -4.35
CA TYR A 313 -11.56 -37.38 -4.80
C TYR A 313 -10.84 -36.15 -4.24
N ASP A 314 -11.49 -34.99 -4.27
CA ASP A 314 -10.88 -33.77 -3.73
C ASP A 314 -10.61 -33.91 -2.24
N VAL A 315 -11.67 -34.20 -1.47
CA VAL A 315 -11.52 -34.32 -0.01
C VAL A 315 -10.56 -35.46 0.33
N ASN A 316 -10.70 -36.61 -0.35
CA ASN A 316 -9.81 -37.73 -0.06
C ASN A 316 -8.35 -37.35 -0.28
N LYS A 317 -8.06 -36.69 -1.41
CA LYS A 317 -6.69 -36.32 -1.72
C LYS A 317 -6.05 -35.52 -0.59
N ARG A 318 -6.84 -34.73 0.14
CA ARG A 318 -6.32 -33.85 1.18
C ARG A 318 -6.25 -34.52 2.54
N LEU A 319 -7.24 -35.34 2.90
CA LEU A 319 -7.19 -36.03 4.19
C LEU A 319 -6.11 -37.11 4.20
N LYS A 320 -5.76 -37.65 3.04
CA LYS A 320 -4.69 -38.64 2.94
C LYS A 320 -3.30 -38.01 2.94
N MET A 321 -3.08 -36.98 3.75
CA MET A 321 -1.80 -36.29 3.80
C MET A 321 -1.20 -36.41 5.19
N THR A 322 0.11 -36.61 5.23
CA THR A 322 0.86 -36.84 6.46
C THR A 322 2.09 -35.95 6.49
N ASN A 323 2.72 -35.87 7.67
CA ASN A 323 3.91 -35.05 7.83
C ASN A 323 4.96 -35.39 6.78
N GLU A 324 5.04 -36.68 6.39
CA GLU A 324 6.13 -37.18 5.56
C GLU A 324 5.89 -36.99 4.06
N SER A 325 4.81 -36.30 3.66
CA SER A 325 4.49 -36.14 2.25
C SER A 325 4.57 -34.68 1.79
N PHE A 326 5.29 -33.83 2.54
CA PHE A 326 5.30 -32.40 2.28
C PHE A 326 6.58 -31.87 1.66
N ASN A 327 7.72 -32.55 1.88
CA ASN A 327 9.03 -31.99 1.54
C ASN A 327 9.40 -30.90 2.54
N ASN A 328 8.40 -30.30 3.17
CA ASN A 328 8.57 -29.30 4.23
C ASN A 328 7.69 -29.72 5.40
N PRO A 329 8.17 -30.62 6.25
CA PRO A 329 7.37 -31.04 7.40
C PRO A 329 6.93 -29.83 8.22
N LEU A 330 5.68 -29.86 8.68
CA LEU A 330 5.12 -28.77 9.46
C LEU A 330 5.39 -28.99 10.94
N VAL A 331 6.14 -28.07 11.55
CA VAL A 331 6.42 -28.16 12.98
C VAL A 331 5.15 -28.12 13.80
N GLN A 332 4.07 -27.61 13.23
CA GLN A 332 2.76 -27.63 13.90
C GLN A 332 1.75 -28.35 13.00
N PHE A 333 2.09 -29.56 12.57
CA PHE A 333 1.22 -30.28 11.64
C PHE A 333 -0.18 -30.46 12.20
N ASP A 334 -0.32 -30.57 13.51
CA ASP A 334 -1.65 -30.68 14.10
C ASP A 334 -2.43 -29.37 13.92
N ASP A 335 -1.78 -28.23 14.14
CA ASP A 335 -2.40 -26.95 13.80
C ASP A 335 -2.89 -26.95 12.37
N PHE A 336 -2.09 -27.49 11.45
CA PHE A 336 -2.54 -27.64 10.07
C PHE A 336 -3.79 -28.51 10.00
N ARG A 337 -3.73 -29.71 10.59
CA ARG A 337 -4.92 -30.57 10.64
C ARG A 337 -6.11 -29.82 11.22
N LYS A 338 -5.88 -29.03 12.26
CA LYS A 338 -6.97 -28.25 12.86
C LYS A 338 -7.67 -27.37 11.83
N SER A 339 -6.89 -26.58 11.08
CA SER A 339 -7.47 -25.75 10.04
C SER A 339 -8.26 -26.60 9.04
N LEU A 340 -7.61 -27.64 8.49
CA LEU A 340 -8.24 -28.42 7.43
C LEU A 340 -9.54 -29.04 7.91
N LYS A 341 -9.54 -29.65 9.11
CA LYS A 341 -10.77 -30.25 9.61
C LYS A 341 -11.86 -29.20 9.81
N SER A 342 -11.48 -28.01 10.26
CA SER A 342 -12.46 -26.96 10.51
C SER A 342 -13.00 -26.37 9.22
N ILE A 343 -12.17 -26.29 8.18
CA ILE A 343 -12.64 -25.77 6.89
C ILE A 343 -13.64 -26.74 6.27
N ILE A 344 -13.49 -28.03 6.52
CA ILE A 344 -14.44 -29.01 6.02
C ILE A 344 -15.66 -29.10 6.93
N ALA A 345 -15.47 -28.90 8.24
CA ALA A 345 -16.59 -28.97 9.17
C ALA A 345 -17.56 -27.81 8.97
N LYS A 346 -17.04 -26.59 8.95
CA LYS A 346 -17.88 -25.40 8.79
C LYS A 346 -18.17 -25.07 7.34
N GLU A 347 -17.91 -26.00 6.41
CA GLU A 347 -18.23 -25.82 5.00
C GLU A 347 -17.69 -24.50 4.46
N ASN A 348 -16.45 -24.18 4.82
CA ASN A 348 -15.79 -22.98 4.31
C ASN A 348 -15.29 -23.27 2.91
N MET A 349 -16.22 -23.19 1.95
CA MET A 349 -15.90 -23.49 0.57
C MET A 349 -15.00 -22.41 -0.03
N CYS A 350 -14.41 -22.74 -1.16
CA CYS A 350 -13.36 -21.89 -1.74
C CYS A 350 -13.48 -21.91 -3.25
N VAL A 351 -13.63 -20.74 -3.85
CA VAL A 351 -13.60 -20.57 -5.29
C VAL A 351 -12.24 -20.04 -5.69
N LYS A 352 -11.65 -20.63 -6.73
CA LYS A 352 -10.43 -20.11 -7.32
C LYS A 352 -10.79 -19.20 -8.49
N ILE A 353 -10.07 -18.09 -8.61
CA ILE A 353 -10.32 -17.14 -9.68
C ILE A 353 -9.09 -17.05 -10.57
N VAL A 354 -8.97 -15.94 -11.30
CA VAL A 354 -7.83 -15.70 -12.18
C VAL A 354 -6.53 -16.01 -11.44
N ASP A 355 -5.52 -16.46 -12.17
CA ASP A 355 -4.18 -16.73 -11.63
C ASP A 355 -4.18 -17.79 -10.54
N GLY A 356 -5.28 -18.52 -10.36
CA GLY A 356 -5.34 -19.51 -9.30
C GLY A 356 -5.23 -18.87 -7.93
N VAL A 357 -6.01 -17.82 -7.70
CA VAL A 357 -6.08 -17.15 -6.40
C VAL A 357 -7.32 -17.65 -5.67
N GLN A 358 -7.14 -18.11 -4.44
CA GLN A 358 -8.22 -18.71 -3.66
C GLN A 358 -9.04 -17.65 -2.96
N CYS A 359 -10.34 -17.91 -2.85
CA CYS A 359 -11.27 -17.07 -2.10
C CYS A 359 -12.15 -17.98 -1.25
N TRP A 360 -12.20 -17.70 0.05
CA TRP A 360 -12.98 -18.49 0.99
C TRP A 360 -14.27 -17.78 1.36
N LYS A 361 -15.23 -18.55 1.86
CA LYS A 361 -16.49 -17.97 2.33
C LYS A 361 -16.30 -17.24 3.65
N TYR A 362 -15.45 -17.78 4.53
CA TYR A 362 -15.28 -17.24 5.87
C TYR A 362 -13.80 -17.08 6.19
N LEU A 363 -13.52 -16.14 7.09
CA LEU A 363 -12.18 -16.02 7.65
C LEU A 363 -11.88 -17.13 8.64
N GLU A 364 -12.92 -17.74 9.22
CA GLU A 364 -12.75 -18.78 10.22
C GLU A 364 -11.99 -19.96 9.65
N GLY A 365 -10.92 -20.37 10.33
CA GLY A 365 -10.14 -21.51 9.91
C GLY A 365 -8.79 -21.14 9.32
N LEU A 366 -8.76 -20.15 8.45
CA LEU A 366 -7.52 -19.75 7.80
C LEU A 366 -6.45 -19.47 8.86
N PRO A 367 -5.20 -19.85 8.62
CA PRO A 367 -4.17 -19.75 9.65
C PRO A 367 -3.57 -18.37 9.76
N ASP A 368 -3.10 -18.05 10.97
CA ASP A 368 -2.28 -16.87 11.17
C ASP A 368 -0.94 -17.05 10.47
N LEU A 369 -0.38 -15.93 10.02
CA LEU A 369 0.98 -15.90 9.50
C LEU A 369 1.85 -15.05 10.43
N PHE A 370 3.14 -15.33 10.45
CA PHE A 370 4.06 -14.66 11.36
C PHE A 370 5.32 -14.26 10.60
N VAL A 371 5.56 -12.96 10.50
CA VAL A 371 6.79 -12.43 9.93
C VAL A 371 7.76 -12.13 11.06
N THR A 372 9.01 -12.52 10.90
CA THR A 372 10.03 -12.38 11.93
C THR A 372 10.82 -11.10 11.70
N LEU A 373 10.80 -10.21 12.69
CA LEU A 373 11.49 -8.93 12.60
C LEU A 373 12.82 -8.97 13.34
N SER A 374 13.28 -7.83 13.82
CA SER A 374 14.52 -7.78 14.60
C SER A 374 14.37 -8.60 15.88
N ASN A 375 15.47 -9.20 16.30
CA ASN A 375 15.43 -10.20 17.38
C ASN A 375 14.72 -11.43 16.86
N ASN A 376 13.96 -12.11 17.72
CA ASN A 376 13.10 -13.19 17.26
C ASN A 376 11.62 -12.85 17.49
N TYR A 377 11.29 -11.56 17.39
CA TYR A 377 9.90 -11.15 17.57
C TYR A 377 9.07 -11.59 16.37
N LYS A 378 8.03 -12.36 16.63
CA LYS A 378 7.11 -12.83 15.59
C LYS A 378 5.87 -11.95 15.62
N MET A 379 5.62 -11.23 14.54
CA MET A 379 4.46 -10.35 14.43
C MET A 379 3.34 -11.11 13.72
N LYS A 380 2.18 -11.19 14.38
CA LYS A 380 1.07 -11.94 13.82
C LYS A 380 0.45 -11.21 12.64
N TRP A 381 0.22 -11.93 11.55
CA TRP A 381 -0.40 -11.41 10.34
C TRP A 381 -1.72 -12.16 10.16
N GLN A 382 -2.82 -11.51 10.50
CA GLN A 382 -4.11 -12.18 10.59
C GLN A 382 -4.78 -12.30 9.22
N PRO A 383 -5.66 -13.29 9.05
CA PRO A 383 -6.37 -13.43 7.78
C PRO A 383 -7.17 -12.21 7.37
N HIS A 384 -7.72 -11.45 8.32
CA HIS A 384 -8.48 -10.27 7.95
C HIS A 384 -7.60 -9.17 7.38
N SER A 385 -6.28 -9.36 7.38
CA SER A 385 -5.35 -8.49 6.67
C SER A 385 -4.96 -9.07 5.32
N TYR A 386 -4.42 -10.29 5.31
CA TYR A 386 -3.87 -10.83 4.07
C TYR A 386 -4.92 -11.41 3.14
N LEU A 387 -6.17 -11.51 3.58
CA LEU A 387 -7.30 -11.73 2.71
C LEU A 387 -8.09 -10.44 2.59
N TYR A 388 -8.67 -10.20 1.42
CA TYR A 388 -9.46 -9.01 1.16
C TYR A 388 -10.85 -9.39 0.68
N LYS A 389 -11.81 -8.50 0.90
CA LYS A 389 -13.20 -8.77 0.53
C LYS A 389 -13.37 -8.57 -0.96
N LYS A 390 -13.75 -9.64 -1.66
CA LYS A 390 -14.13 -9.56 -3.07
C LYS A 390 -15.50 -10.19 -3.20
N GLU A 391 -16.47 -9.39 -3.64
CA GLU A 391 -17.87 -9.81 -3.55
C GLU A 391 -18.17 -10.21 -2.12
N SER A 392 -18.47 -11.49 -1.91
CA SER A 392 -18.79 -12.02 -0.59
C SER A 392 -17.69 -12.90 -0.02
N PHE A 393 -16.63 -13.17 -0.77
CA PHE A 393 -15.60 -14.10 -0.34
C PHE A 393 -14.38 -13.35 0.19
N TRP A 394 -13.38 -14.11 0.62
CA TRP A 394 -12.13 -13.59 1.14
C TRP A 394 -10.99 -14.16 0.31
N CYS A 395 -10.42 -13.33 -0.56
CA CYS A 395 -9.43 -13.78 -1.53
C CYS A 395 -8.01 -13.51 -1.02
N LYS A 396 -7.09 -14.42 -1.39
CA LYS A 396 -5.71 -14.28 -0.96
C LYS A 396 -5.07 -13.05 -1.59
N GLY A 397 -4.53 -12.18 -0.75
CA GLY A 397 -3.90 -10.96 -1.23
C GLY A 397 -2.39 -11.00 -1.17
N ILE A 398 -1.81 -12.15 -1.47
CA ILE A 398 -0.37 -12.37 -1.46
C ILE A 398 0.04 -12.83 -2.84
N GLU A 399 0.95 -12.09 -3.47
CA GLU A 399 1.39 -12.37 -4.83
C GLU A 399 2.90 -12.62 -4.86
N LYS A 400 3.36 -13.12 -6.00
CA LYS A 400 4.79 -13.24 -6.24
C LYS A 400 5.40 -11.87 -6.47
N GLN A 401 6.64 -11.70 -6.01
CA GLN A 401 7.38 -10.47 -6.31
C GLN A 401 7.67 -10.38 -7.79
N VAL A 402 7.64 -9.16 -8.32
CA VAL A 402 8.00 -8.89 -9.70
C VAL A 402 9.37 -8.21 -9.71
N ASN A 403 10.35 -8.88 -10.33
CA ASN A 403 11.67 -8.29 -10.55
C ASN A 403 12.40 -8.05 -9.23
N ASN A 404 12.43 -9.08 -8.38
CA ASN A 404 13.17 -9.03 -7.11
C ASN A 404 12.75 -7.82 -6.28
N LYS A 405 11.44 -7.54 -6.25
CA LYS A 405 10.90 -6.36 -5.57
C LYS A 405 9.90 -6.82 -4.53
N PRO A 406 10.37 -7.34 -3.39
CA PRO A 406 9.45 -7.73 -2.31
C PRO A 406 8.83 -6.49 -1.67
N ILE A 407 7.51 -6.53 -1.50
CA ILE A 407 6.76 -5.36 -1.06
C ILE A 407 5.73 -5.77 -0.02
N LEU A 408 5.73 -5.07 1.11
CA LEU A 408 4.65 -5.18 2.10
C LEU A 408 3.60 -4.17 1.69
N GLY A 409 2.54 -4.66 1.04
CA GLY A 409 1.53 -3.82 0.42
C GLY A 409 0.33 -3.58 1.31
N LEU A 410 -0.78 -3.24 0.66
CA LEU A 410 -1.98 -2.86 1.40
C LEU A 410 -2.55 -4.02 2.21
N THR A 411 -2.38 -5.26 1.72
CA THR A 411 -2.85 -6.42 2.47
C THR A 411 -2.03 -6.67 3.73
N PHE A 412 -0.91 -5.97 3.90
CA PHE A 412 -0.20 -5.92 5.16
C PHE A 412 -0.59 -4.71 6.00
N PHE A 413 -0.94 -3.60 5.34
CA PHE A 413 -1.45 -2.42 6.05
C PHE A 413 -2.80 -2.71 6.71
N LYS A 414 -3.67 -3.45 6.02
CA LYS A 414 -5.08 -3.46 6.38
C LYS A 414 -5.29 -3.88 7.83
N ASN A 415 -6.15 -3.14 8.52
CA ASN A 415 -6.53 -3.39 9.91
C ASN A 415 -5.39 -3.14 10.87
N ARG A 416 -4.33 -2.48 10.41
CA ARG A 416 -3.24 -2.04 11.26
C ARG A 416 -3.13 -0.52 11.20
N GLN A 417 -2.42 0.03 12.18
CA GLN A 417 -1.85 1.37 12.07
C GLN A 417 -0.38 1.20 11.71
N VAL A 418 0.04 1.81 10.60
CA VAL A 418 1.42 1.75 10.14
C VAL A 418 2.03 3.13 10.37
N ILE A 419 2.95 3.20 11.34
CA ILE A 419 3.40 4.47 11.90
C ILE A 419 4.79 4.76 11.38
N PHE A 420 4.92 5.85 10.63
CA PHE A 420 6.18 6.26 10.02
C PHE A 420 6.82 7.31 10.92
N ASP A 421 7.81 6.89 11.71
CA ASP A 421 8.49 7.75 12.67
C ASP A 421 9.73 8.35 11.98
N ILE A 422 9.49 9.41 11.22
CA ILE A 422 10.51 9.95 10.32
C ILE A 422 11.80 10.24 11.07
N GLN A 423 11.71 10.83 12.26
CA GLN A 423 12.92 11.31 12.93
C GLN A 423 13.73 10.19 13.57
N LYS A 424 13.09 9.10 14.00
CA LYS A 424 13.78 8.00 14.64
C LYS A 424 14.08 6.85 13.68
N ASN A 425 13.76 7.01 12.39
CA ASN A 425 14.11 6.02 11.36
C ASN A 425 13.57 4.64 11.70
N ARG A 426 12.32 4.60 12.18
CA ARG A 426 11.65 3.36 12.51
C ARG A 426 10.22 3.42 11.97
N ILE A 427 9.67 2.24 11.69
CA ILE A 427 8.29 2.10 11.25
C ILE A 427 7.57 1.18 12.22
N GLY A 428 6.44 1.64 12.75
CA GLY A 428 5.70 0.91 13.75
C GLY A 428 4.46 0.23 13.20
N PHE A 429 4.07 -0.87 13.85
CA PHE A 429 2.87 -1.62 13.49
C PHE A 429 2.09 -1.92 14.77
N VAL A 430 0.78 -1.69 14.72
CA VAL A 430 -0.11 -2.00 15.83
C VAL A 430 -1.49 -2.31 15.26
N ASP A 431 -2.10 -3.38 15.78
CA ASP A 431 -3.43 -3.74 15.33
C ASP A 431 -4.44 -2.71 15.80
N ALA A 432 -5.35 -2.32 14.92
CA ALA A 432 -6.21 -1.18 15.22
C ALA A 432 -7.58 -1.36 14.59
N ASN A 433 -8.55 -0.66 15.15
CA ASN A 433 -9.87 -0.51 14.53
C ASN A 433 -9.84 0.77 13.70
N CYS A 434 -9.31 0.64 12.49
CA CYS A 434 -9.16 1.81 11.62
C CYS A 434 -10.51 2.39 11.26
N PRO A 435 -10.63 3.71 11.19
CA PRO A 435 -11.87 4.31 10.69
C PRO A 435 -12.20 3.76 9.31
N SER A 436 -13.48 3.79 8.98
CA SER A 436 -13.97 3.36 7.68
C SER A 436 -14.70 4.52 7.01
N HIS A 437 -14.56 4.62 5.69
CA HIS A 437 -15.18 5.71 4.93
C HIS A 437 -15.62 5.18 3.57
N PRO A 438 -16.88 4.79 3.43
CA PRO A 438 -17.40 4.49 2.10
C PRO A 438 -17.22 5.69 1.18
N THR A 439 -17.05 5.41 -0.11
CA THR A 439 -16.79 6.49 -1.07
C THR A 439 -17.97 7.42 -1.23
N HIS A 440 -19.17 7.03 -0.79
CA HIS A 440 -20.33 7.89 -0.89
C HIS A 440 -20.35 8.92 0.23
N THR A 441 -19.17 9.25 0.76
CA THR A 441 -19.04 10.23 1.83
C THR A 441 -17.84 11.14 1.53
N ARG A 442 -17.88 11.80 0.37
CA ARG A 442 -16.74 12.61 -0.06
C ARG A 442 -17.18 13.99 -0.55
C1 NAG B . 6.41 -33.07 11.70
C2 NAG B . 6.18 -33.29 13.19
C3 NAG B . 6.85 -32.19 13.99
C4 NAG B . 8.33 -32.14 13.65
C5 NAG B . 8.51 -31.97 12.14
C6 NAG B . 9.96 -32.05 11.72
C7 NAG B . 4.06 -34.52 13.48
C8 NAG B . 2.61 -34.40 13.82
N2 NAG B . 4.76 -33.36 13.50
O3 NAG B . 6.68 -32.44 15.38
O4 NAG B . 8.95 -31.05 14.33
O5 NAG B . 7.82 -33.01 11.43
O6 NAG B . 10.42 -33.39 11.70
O7 NAG B . 4.59 -35.58 13.20
C1 NAG C . 17.57 1.15 15.94
C2 NAG C . 18.63 0.23 16.56
C3 NAG C . 19.17 0.83 17.84
C4 NAG C . 19.72 2.23 17.58
C5 NAG C . 18.60 3.09 16.98
C6 NAG C . 19.08 4.47 16.60
C7 NAG C . 18.25 -2.12 15.94
C8 NAG C . 17.65 -3.43 16.35
N2 NAG C . 18.10 -1.10 16.79
O3 NAG C . 20.21 -0.01 18.35
O4 NAG C . 20.20 2.81 18.77
O5 NAG C . 18.10 2.48 15.78
O6 NAG C . 19.91 4.43 15.45
O7 NAG C . 18.87 -1.99 14.88
C10 T0F D . 5.02 6.92 -10.29
C9 T0F D . 6.14 6.23 -9.58
C14 T0F D . 3.46 8.77 -10.37
C13 T0F D . 2.98 8.33 -11.57
C12 T0F D . 3.49 7.18 -12.15
C11 T0F D . 4.50 6.49 -11.51
C8 T0F D . 7.31 6.97 -9.42
C5 T0F D . 6.14 4.90 -9.08
C4 T0F D . 3.65 4.46 -9.07
C3 T0F D . 3.03 3.21 -8.42
C6 T0F D . 8.31 5.10 -8.35
C15 T0F D . 4.47 8.08 -9.72
C19 T0F D . -0.67 2.88 -7.66
C20 T0F D . -1.27 2.90 -8.89
C21 T0F D . -0.47 3.05 -10.01
C22 T0F D . 0.90 3.15 -9.82
C1 T0F D . 3.60 -0.45 -6.26
C2 T0F D . 3.80 2.06 -9.12
N T0F D . 3.69 0.80 -7.01
C T0F D . 3.73 0.73 -8.38
O T0F D . 3.72 -0.33 -8.98
C16 T0F D . 5.23 2.59 -9.20
C17 T0F D . 1.52 3.11 -8.59
C18 T0F D . 0.70 2.97 -7.47
C23 T0F D . 3.75 2.01 -6.35
C7 T0F D . 8.40 6.40 -8.78
F T0F D . -1.46 2.73 -6.56
F1 T0F D . 1.66 3.30 -10.93
N1 T0F D . 5.05 4.05 -9.13
N2 T0F D . 7.21 4.35 -8.48
N3 T0F D . 3.43 3.14 -7.00
N4 T0F D . 4.22 1.98 -5.15
CL T0F D . 5.10 5.05 -12.26
H11 T0F D . 3.06 9.67 -9.91
H10 T0F D . 2.18 8.87 -12.08
H9 T0F D . 3.11 6.82 -13.10
H8 T0F D . 7.35 8.01 -9.77
H4 T0F D . 3.52 5.38 -8.51
H5 T0F D . 3.25 4.70 -10.05
H6 T0F D . 9.14 4.60 -7.86
H12 T0F D . 4.86 8.43 -8.77
H16 T0F D . -2.34 2.81 -8.99
H17 T0F D . -0.92 3.08 -11.00
H3 T0F D . 3.07 -1.24 -6.81
H2 T0F D . 3.07 -0.33 -5.31
H1 T0F D . 4.58 -0.86 -6.01
H T0F D . 3.46 1.85 -10.14
H13 T0F D . 5.85 2.23 -8.39
H14 T0F D . 5.73 2.29 -10.12
H15 T0F D . 1.08 2.95 -6.45
H7 T0F D . 9.32 6.97 -8.65
H18 T0F D . 3.45 4.02 -6.51
H19 T0F D . 4.39 2.85 -4.68
C1 EDO E . -1.85 -0.53 -7.35
O1 EDO E . -3.02 0.00 -7.99
C2 EDO E . -1.07 -1.40 -8.35
O2 EDO E . -0.02 -2.10 -7.67
H11 EDO E . -1.20 0.29 -7.01
H12 EDO E . -2.13 -1.12 -6.49
HO1 EDO E . -3.52 0.53 -7.34
H21 EDO E . -0.65 -0.78 -9.14
H22 EDO E . -1.75 -2.12 -8.81
HO2 EDO E . 0.43 -2.69 -8.29
#